data_5TDC
#
_entry.id   5TDC
#
_cell.length_a   47.274
_cell.length_b   49.036
_cell.length_c   53.634
_cell.angle_alpha   90.00
_cell.angle_beta   90.00
_cell.angle_gamma   90.00
#
_symmetry.space_group_name_H-M   'P 21 21 21'
#
loop_
_entity.id
_entity.type
_entity.pdbx_description
1 polymer 'E3 ubiquitin-protein ligase UBR1'
2 polymer 'NMM-ILE-PHE-SER peptide'
3 non-polymer 'ZINC ION'
4 non-polymer 'SULFATE ION'
5 water water
#
loop_
_entity_poly.entity_id
_entity_poly.type
_entity_poly.pdbx_seq_one_letter_code
_entity_poly.pdbx_strand_id
1 'polypeptide(L)' GPLGSLCGRVFKSGETTYSCRDCAIDPTCVLCMDCFQDSVHKNHRYKMHTSTGGGFCDCGDTEAWKTGPFCVNHEP A,C
2 'polypeptide(L)' (NMM)IFS B,D
#
# COMPACT_ATOMS: atom_id res chain seq x y z
N LEU A 6 8.66 -2.82 6.44
CA LEU A 6 8.92 -2.98 5.01
C LEU A 6 7.63 -3.05 4.18
N CYS A 7 7.56 -2.26 3.10
CA CYS A 7 6.39 -2.30 2.23
C CYS A 7 6.40 -3.53 1.34
N GLY A 8 7.38 -3.60 0.44
CA GLY A 8 7.56 -4.71 -0.46
C GLY A 8 6.44 -4.98 -1.45
N ARG A 9 5.51 -4.04 -1.64
CA ARG A 9 4.43 -4.22 -2.60
C ARG A 9 4.99 -4.55 -3.98
N VAL A 10 4.37 -5.53 -4.65
CA VAL A 10 4.76 -5.92 -6.00
C VAL A 10 4.01 -5.07 -7.02
N PHE A 11 4.75 -4.44 -7.93
CA PHE A 11 4.15 -3.57 -8.94
C PHE A 11 3.50 -4.34 -10.10
N LYS A 12 2.34 -3.86 -10.53
CA LYS A 12 1.75 -4.37 -11.76
C LYS A 12 2.25 -3.54 -12.93
N SER A 13 2.27 -4.13 -14.12
CA SER A 13 2.63 -3.37 -15.32
C SER A 13 1.81 -2.10 -15.40
N GLY A 14 2.48 -0.98 -15.71
CA GLY A 14 1.81 0.29 -15.86
C GLY A 14 1.68 1.13 -14.60
N GLU A 15 1.99 0.56 -13.44
CA GLU A 15 1.80 1.28 -12.18
C GLU A 15 2.83 2.41 -12.08
N THR A 16 2.40 3.55 -11.54
CA THR A 16 3.27 4.70 -11.36
CA THR A 16 3.27 4.70 -11.36
C THR A 16 4.06 4.55 -10.07
N THR A 17 5.38 4.65 -10.18
CA THR A 17 6.25 4.57 -9.01
C THR A 17 7.29 5.68 -9.08
N TYR A 18 8.04 5.87 -7.98
CA TYR A 18 8.93 7.02 -7.86
C TYR A 18 10.28 6.67 -7.26
N SER A 19 11.33 7.19 -7.88
CA SER A 19 12.66 7.20 -7.29
C SER A 19 13.01 8.64 -6.89
N CYS A 20 14.04 8.79 -6.06
CA CYS A 20 14.55 10.09 -5.64
C CYS A 20 16.00 10.27 -6.09
N ARG A 21 16.26 11.29 -6.91
CA ARG A 21 17.61 11.50 -7.43
C ARG A 21 18.57 11.92 -6.32
N ASP A 22 18.04 12.56 -5.28
CA ASP A 22 18.84 13.04 -4.16
C ASP A 22 19.19 11.91 -3.17
N CYS A 23 18.28 10.94 -2.95
CA CYS A 23 18.42 9.99 -1.85
C CYS A 23 18.63 8.54 -2.28
N ALA A 24 18.22 8.16 -3.47
CA ALA A 24 18.31 6.77 -3.87
C ALA A 24 19.78 6.34 -3.94
N ILE A 25 20.08 5.15 -3.41
CA ILE A 25 21.47 4.70 -3.52
C ILE A 25 21.81 4.39 -4.96
N ASP A 26 20.82 3.99 -5.76
CA ASP A 26 21.01 3.84 -7.19
C ASP A 26 19.66 3.99 -7.86
N PRO A 27 19.62 4.11 -9.18
CA PRO A 27 18.35 4.43 -9.88
C PRO A 27 17.29 3.34 -9.81
N THR A 28 17.59 2.14 -9.30
CA THR A 28 16.56 1.13 -9.16
C THR A 28 15.80 1.24 -7.83
N CYS A 29 16.21 2.12 -6.94
CA CYS A 29 15.50 2.28 -5.68
C CYS A 29 14.23 3.07 -5.92
N VAL A 30 13.10 2.55 -5.43
CA VAL A 30 11.80 3.03 -5.88
C VAL A 30 10.78 2.88 -4.75
N LEU A 31 9.78 3.76 -4.77
CA LEU A 31 8.63 3.73 -3.87
C LEU A 31 7.34 3.62 -4.66
N CYS A 32 6.39 2.82 -4.13
CA CYS A 32 5.02 2.84 -4.63
C CYS A 32 4.41 4.22 -4.41
N MET A 33 3.34 4.51 -5.14
CA MET A 33 2.76 5.85 -5.07
C MET A 33 2.28 6.19 -3.67
N ASP A 34 1.68 5.22 -2.98
CA ASP A 34 1.16 5.45 -1.64
C ASP A 34 2.28 5.81 -0.66
N CYS A 35 3.39 5.08 -0.72
CA CYS A 35 4.54 5.40 0.11
C CYS A 35 5.17 6.73 -0.29
N PHE A 36 5.34 6.97 -1.59
CA PHE A 36 5.95 8.20 -2.06
C PHE A 36 5.20 9.42 -1.55
N GLN A 37 3.87 9.41 -1.66
CA GLN A 37 3.05 10.55 -1.26
C GLN A 37 3.18 10.86 0.22
N ASP A 38 3.51 9.87 1.06
CA ASP A 38 3.69 10.06 2.50
C ASP A 38 5.15 10.02 2.91
N SER A 39 6.06 10.40 2.00
CA SER A 39 7.50 10.35 2.25
C SER A 39 8.13 11.72 2.04
N VAL A 40 9.36 11.85 2.57
CA VAL A 40 10.12 13.08 2.44
C VAL A 40 10.44 13.35 0.99
N HIS A 41 10.36 12.33 0.14
CA HIS A 41 10.93 12.47 -1.20
C HIS A 41 10.02 13.21 -2.14
N LYS A 42 8.75 13.40 -1.78
CA LYS A 42 7.89 14.22 -2.63
C LYS A 42 8.38 15.66 -2.73
N ASN A 43 9.25 16.10 -1.80
CA ASN A 43 9.83 17.43 -1.81
C ASN A 43 11.26 17.47 -2.34
N HIS A 44 11.74 16.36 -2.92
CA HIS A 44 13.07 16.23 -3.46
C HIS A 44 13.03 16.19 -4.99
N ARG A 45 14.20 15.94 -5.60
CA ARG A 45 14.28 15.71 -7.05
C ARG A 45 13.79 14.30 -7.38
N TYR A 46 12.48 14.11 -7.33
CA TYR A 46 11.94 12.78 -7.58
C TYR A 46 11.83 12.53 -9.08
N LYS A 47 11.75 11.25 -9.42
CA LYS A 47 11.71 10.81 -10.82
C LYS A 47 10.70 9.68 -10.94
N MET A 48 9.64 9.92 -11.70
CA MET A 48 8.58 8.94 -11.88
C MET A 48 9.01 7.86 -12.85
N HIS A 49 8.62 6.62 -12.56
CA HIS A 49 8.87 5.45 -13.38
C HIS A 49 7.57 4.69 -13.59
N THR A 50 7.33 4.26 -14.81
CA THR A 50 6.21 3.39 -15.13
C THR A 50 6.68 1.96 -15.05
N SER A 51 6.05 1.18 -14.20
CA SER A 51 6.49 -0.19 -13.97
CA SER A 51 6.47 -0.19 -13.96
C SER A 51 6.32 -1.06 -15.21
N THR A 52 7.33 -1.90 -15.48
CA THR A 52 7.23 -3.00 -16.42
CA THR A 52 7.12 -2.95 -16.46
C THR A 52 6.35 -4.13 -15.86
N GLY A 53 6.32 -4.23 -14.53
CA GLY A 53 5.65 -5.27 -13.77
C GLY A 53 6.63 -6.22 -13.10
N GLY A 54 6.52 -6.37 -11.78
CA GLY A 54 7.36 -7.29 -11.03
C GLY A 54 8.42 -6.64 -10.15
N GLY A 55 8.75 -5.38 -10.37
CA GLY A 55 9.51 -4.62 -9.36
C GLY A 55 8.74 -4.53 -8.06
N PHE A 56 9.40 -4.00 -7.03
CA PHE A 56 8.77 -3.94 -5.73
C PHE A 56 9.21 -2.69 -4.98
N CYS A 57 8.38 -2.26 -4.03
CA CYS A 57 8.59 -1.04 -3.29
C CYS A 57 9.71 -1.21 -2.27
N ASP A 58 10.63 -0.23 -2.21
CA ASP A 58 11.76 -0.28 -1.29
C ASP A 58 11.54 0.54 -0.02
N CYS A 59 10.29 0.91 0.28
CA CYS A 59 10.00 1.65 1.50
C CYS A 59 10.37 0.81 2.72
N GLY A 60 11.13 1.41 3.64
CA GLY A 60 11.61 0.73 4.83
C GLY A 60 12.96 0.08 4.70
N ASP A 61 13.55 0.07 3.51
CA ASP A 61 14.85 -0.52 3.30
C ASP A 61 15.92 0.53 3.58
N THR A 62 16.60 0.39 4.73
CA THR A 62 17.57 1.40 5.13
C THR A 62 18.81 1.37 4.27
N GLU A 63 18.98 0.32 3.45
CA GLU A 63 20.08 0.30 2.50
C GLU A 63 19.78 1.04 1.20
N ALA A 64 18.55 1.43 0.97
CA ALA A 64 18.17 1.98 -0.33
C ALA A 64 18.15 3.50 -0.38
N TRP A 65 18.13 4.18 0.76
CA TRP A 65 17.80 5.61 0.81
C TRP A 65 18.78 6.32 1.72
N LYS A 66 19.39 7.41 1.22
CA LYS A 66 20.30 8.21 2.03
C LYS A 66 19.59 8.96 3.16
N THR A 67 18.34 9.37 2.94
CA THR A 67 17.50 9.94 3.98
C THR A 67 16.10 9.35 3.84
N GLY A 68 15.34 9.40 4.93
CA GLY A 68 13.94 9.06 4.94
C GLY A 68 13.61 7.73 4.29
N PRO A 69 14.20 6.64 4.80
CA PRO A 69 13.87 5.32 4.27
C PRO A 69 12.46 4.86 4.56
N PHE A 70 11.78 5.38 5.58
CA PHE A 70 10.39 5.01 5.88
C PHE A 70 9.43 6.14 5.56
N CYS A 71 8.31 5.82 4.88
CA CYS A 71 7.20 6.75 4.82
C CYS A 71 6.42 6.74 6.14
N VAL A 72 5.49 7.69 6.28
CA VAL A 72 4.69 7.80 7.50
C VAL A 72 3.95 6.50 7.77
N ASN A 73 3.48 5.83 6.71
CA ASN A 73 2.70 4.62 6.88
C ASN A 73 3.52 3.48 7.49
N HIS A 74 4.80 3.41 7.13
CA HIS A 74 5.68 2.32 7.54
C HIS A 74 6.70 2.69 8.61
N GLU A 75 6.71 3.93 9.12
CA GLU A 75 7.72 4.33 10.11
C GLU A 75 7.66 3.43 11.35
N LEU B 6 -23.65 -5.28 1.84
CA LEU B 6 -22.29 -5.55 2.31
C LEU B 6 -21.36 -5.88 1.16
N CYS B 7 -20.05 -5.83 1.41
CA CYS B 7 -19.11 -6.00 0.30
C CYS B 7 -19.01 -7.46 -0.12
N GLY B 8 -18.49 -8.31 0.77
CA GLY B 8 -18.33 -9.71 0.45
C GLY B 8 -17.33 -10.03 -0.65
N ARG B 9 -16.47 -9.11 -1.03
CA ARG B 9 -15.53 -9.38 -2.11
C ARG B 9 -14.51 -10.44 -1.69
N VAL B 10 -14.29 -11.42 -2.56
CA VAL B 10 -13.24 -12.42 -2.40
C VAL B 10 -12.09 -12.03 -3.33
N PHE B 11 -10.88 -11.93 -2.77
CA PHE B 11 -9.74 -11.45 -3.53
C PHE B 11 -9.22 -12.51 -4.48
N LYS B 12 -8.83 -12.06 -5.67
CA LYS B 12 -8.13 -12.88 -6.65
C LYS B 12 -6.62 -12.75 -6.49
N SER B 13 -5.92 -13.78 -6.98
CA SER B 13 -4.47 -13.79 -6.97
C SER B 13 -3.89 -12.50 -7.55
N GLY B 14 -2.92 -11.90 -6.84
CA GLY B 14 -2.28 -10.68 -7.32
C GLY B 14 -2.95 -9.39 -6.94
N GLU B 15 -4.17 -9.44 -6.40
CA GLU B 15 -4.94 -8.24 -6.12
C GLU B 15 -4.34 -7.47 -4.94
N THR B 16 -4.16 -6.16 -5.12
CA THR B 16 -3.70 -5.30 -4.04
C THR B 16 -4.85 -5.00 -3.08
N THR B 17 -4.59 -5.21 -1.79
CA THR B 17 -5.56 -4.95 -0.74
C THR B 17 -4.90 -4.07 0.30
N TYR B 18 -5.70 -3.58 1.24
CA TYR B 18 -5.28 -2.53 2.16
C TYR B 18 -5.66 -2.87 3.58
N SER B 19 -4.73 -2.72 4.50
CA SER B 19 -5.03 -2.81 5.92
C SER B 19 -4.72 -1.45 6.55
N CYS B 20 -5.45 -1.11 7.60
CA CYS B 20 -5.19 0.13 8.31
C CYS B 20 -4.37 -0.20 9.52
N ARG B 21 -3.16 0.37 9.60
CA ARG B 21 -2.28 0.11 10.73
C ARG B 21 -2.85 0.69 12.01
N ASP B 22 -3.57 1.81 11.91
CA ASP B 22 -4.13 2.47 13.08
C ASP B 22 -5.35 1.74 13.61
N CYS B 23 -6.19 1.15 12.73
CA CYS B 23 -7.48 0.63 13.15
C CYS B 23 -7.63 -0.89 13.15
N ALA B 24 -6.77 -1.63 12.45
CA ALA B 24 -6.93 -3.09 12.39
C ALA B 24 -6.75 -3.72 13.75
N ILE B 25 -7.66 -4.64 14.11
CA ILE B 25 -7.53 -5.38 15.36
C ILE B 25 -6.39 -6.40 15.27
N ASP B 26 -6.12 -6.93 14.08
CA ASP B 26 -4.95 -7.77 13.88
C ASP B 26 -4.50 -7.64 12.43
N PRO B 27 -3.32 -8.16 12.09
CA PRO B 27 -2.74 -7.86 10.79
C PRO B 27 -3.45 -8.51 9.62
N THR B 28 -4.37 -9.44 9.87
CA THR B 28 -5.15 -10.07 8.80
C THR B 28 -6.40 -9.29 8.41
N CYS B 29 -6.73 -8.22 9.13
CA CYS B 29 -7.90 -7.41 8.79
C CYS B 29 -7.61 -6.55 7.58
N VAL B 30 -8.49 -6.58 6.57
CA VAL B 30 -8.16 -6.05 5.26
C VAL B 30 -9.41 -5.51 4.58
N LEU B 31 -9.23 -4.52 3.70
CA LEU B 31 -10.27 -3.99 2.83
C LEU B 31 -9.86 -4.09 1.37
N CYS B 32 -10.82 -4.36 0.52
CA CYS B 32 -10.64 -4.20 -0.90
C CYS B 32 -10.41 -2.72 -1.26
N MET B 33 -9.87 -2.49 -2.46
CA MET B 33 -9.51 -1.13 -2.85
C MET B 33 -10.72 -0.19 -2.84
N ASP B 34 -11.86 -0.64 -3.39
CA ASP B 34 -13.03 0.25 -3.45
C ASP B 34 -13.51 0.66 -2.06
N CYS B 35 -13.54 -0.28 -1.10
CA CYS B 35 -13.96 0.05 0.25
C CYS B 35 -12.92 0.94 0.94
N PHE B 36 -11.64 0.60 0.79
CA PHE B 36 -10.58 1.39 1.40
C PHE B 36 -10.61 2.85 0.93
N GLN B 37 -10.67 3.09 -0.38
CA GLN B 37 -10.63 4.45 -0.91
C GLN B 37 -11.86 5.25 -0.54
N ASP B 38 -12.94 4.57 -0.16
CA ASP B 38 -14.20 5.16 0.27
C ASP B 38 -14.34 5.13 1.79
N SER B 39 -13.23 5.10 2.53
CA SER B 39 -13.29 4.96 3.98
C SER B 39 -12.41 5.99 4.68
N VAL B 40 -12.61 6.07 6.01
CA VAL B 40 -11.77 6.93 6.83
C VAL B 40 -10.31 6.51 6.77
N HIS B 41 -10.04 5.26 6.40
CA HIS B 41 -8.69 4.73 6.62
C HIS B 41 -7.70 5.21 5.57
N LYS B 42 -8.19 5.80 4.47
CA LYS B 42 -7.32 6.37 3.47
C LYS B 42 -6.52 7.54 4.03
N ASN B 43 -6.94 8.13 5.17
CA ASN B 43 -6.25 9.21 5.84
C ASN B 43 -5.46 8.74 7.05
N HIS B 44 -5.41 7.45 7.29
CA HIS B 44 -4.67 6.89 8.41
C HIS B 44 -3.38 6.29 7.90
N ARG B 45 -2.60 5.70 8.80
CA ARG B 45 -1.43 4.91 8.40
C ARG B 45 -1.93 3.57 7.89
N TYR B 46 -1.56 3.20 6.67
CA TYR B 46 -2.05 1.94 6.09
C TYR B 46 -0.92 1.18 5.40
N LYS B 47 -1.22 -0.08 5.13
CA LYS B 47 -0.31 -1.08 4.62
C LYS B 47 -0.98 -1.74 3.43
N MET B 48 -0.20 -2.12 2.42
CA MET B 48 -0.70 -2.80 1.23
C MET B 48 -0.28 -4.25 1.27
N HIS B 49 -1.15 -5.11 0.75
CA HIS B 49 -0.89 -6.55 0.66
C HIS B 49 -1.20 -7.03 -0.75
N THR B 50 -0.39 -7.98 -1.24
CA THR B 50 -0.68 -8.64 -2.50
C THR B 50 -1.35 -9.98 -2.22
N SER B 51 -2.58 -10.13 -2.71
CA SER B 51 -3.38 -11.30 -2.37
CA SER B 51 -3.38 -11.30 -2.37
C SER B 51 -2.84 -12.55 -3.04
N THR B 52 -2.85 -13.66 -2.30
CA THR B 52 -2.64 -14.96 -2.92
C THR B 52 -3.91 -15.44 -3.63
N GLY B 53 -5.07 -15.04 -3.14
CA GLY B 53 -6.37 -15.47 -3.67
C GLY B 53 -7.12 -16.21 -2.58
N GLY B 54 -8.35 -15.75 -2.31
CA GLY B 54 -9.22 -16.41 -1.36
C GLY B 54 -9.43 -15.65 -0.07
N GLY B 55 -8.58 -14.68 0.23
CA GLY B 55 -8.90 -13.73 1.28
C GLY B 55 -10.15 -12.98 0.91
N PHE B 56 -10.68 -12.21 1.87
CA PHE B 56 -11.94 -11.50 1.63
C PHE B 56 -11.96 -10.17 2.37
N CYS B 57 -12.78 -9.25 1.86
CA CYS B 57 -12.88 -7.91 2.40
C CYS B 57 -13.63 -7.92 3.74
N ASP B 58 -13.08 -7.21 4.73
CA ASP B 58 -13.66 -7.13 6.05
C ASP B 58 -14.50 -5.85 6.23
N CYS B 59 -14.92 -5.21 5.14
CA CYS B 59 -15.83 -4.09 5.28
C CYS B 59 -17.10 -4.57 5.95
N GLY B 60 -17.55 -3.86 6.98
CA GLY B 60 -18.75 -4.21 7.72
C GLY B 60 -18.54 -5.11 8.90
N ASP B 61 -17.32 -5.55 9.15
CA ASP B 61 -17.02 -6.42 10.28
C ASP B 61 -16.69 -5.54 11.48
N THR B 62 -17.64 -5.38 12.40
CA THR B 62 -17.45 -4.43 13.48
C THR B 62 -16.43 -4.94 14.50
N GLU B 63 -16.06 -6.22 14.44
CA GLU B 63 -15.02 -6.77 15.28
C GLU B 63 -13.62 -6.61 14.70
N ALA B 64 -13.48 -6.16 13.46
CA ALA B 64 -12.16 -6.10 12.84
C ALA B 64 -11.48 -4.74 12.95
N TRP B 65 -12.22 -3.70 13.30
CA TRP B 65 -11.78 -2.30 13.14
C TRP B 65 -12.11 -1.48 14.39
N LYS B 66 -11.12 -0.70 14.85
CA LYS B 66 -11.33 0.19 15.99
C LYS B 66 -12.24 1.37 15.66
N THR B 67 -12.20 1.82 14.42
CA THR B 67 -13.03 2.90 13.90
C THR B 67 -13.41 2.56 12.47
N GLY B 68 -14.47 3.18 11.97
CA GLY B 68 -14.85 3.11 10.58
C GLY B 68 -14.88 1.70 10.00
N PRO B 69 -15.68 0.83 10.61
CA PRO B 69 -15.78 -0.55 10.10
C PRO B 69 -16.44 -0.65 8.76
N PHE B 70 -17.20 0.37 8.35
CA PHE B 70 -17.80 0.43 7.03
C PHE B 70 -17.20 1.55 6.18
N CYS B 71 -17.04 1.28 4.88
CA CYS B 71 -16.85 2.38 3.95
C CYS B 71 -18.16 3.15 3.81
N VAL B 72 -18.08 4.33 3.20
CA VAL B 72 -19.26 5.20 3.10
C VAL B 72 -20.37 4.52 2.30
N ASN B 73 -20.01 3.81 1.23
CA ASN B 73 -20.99 3.19 0.36
C ASN B 73 -21.77 2.08 1.06
N HIS B 74 -21.15 1.34 1.95
CA HIS B 74 -21.78 0.19 2.60
C HIS B 74 -22.28 0.50 4.01
N GLU B 75 -22.11 1.72 4.50
CA GLU B 75 -22.54 2.06 5.85
C GLU B 75 -24.06 1.90 5.98
N PRO B 76 -24.56 1.31 7.09
CA PRO B 76 -26.03 1.23 7.24
C PRO B 76 -26.70 2.60 7.12
N ILE C 2 13.31 -1.58 -8.79
CA ILE C 2 13.00 -1.77 -10.21
C ILE C 2 13.82 -2.96 -10.71
N PHE C 3 13.17 -3.90 -11.38
CA PHE C 3 13.85 -5.02 -12.03
C PHE C 3 14.34 -4.59 -13.41
N ILE D 2 -7.21 -11.68 5.48
CA ILE D 2 -6.16 -12.36 4.72
C ILE D 2 -6.07 -13.79 5.21
N PHE D 3 -6.05 -14.76 4.30
CA PHE D 3 -6.02 -16.17 4.67
C PHE D 3 -4.57 -16.60 4.79
N SER D 4 -4.23 -17.27 5.88
CA SER D 4 -2.85 -17.69 6.12
C SER D 4 -2.80 -19.16 6.57
#